data_7E23
#
_entry.id   7E23
#
_cell.length_a   1.00
_cell.length_b   1.00
_cell.length_c   1.00
_cell.angle_alpha   90.00
_cell.angle_beta   90.00
_cell.angle_gamma   90.00
#
_symmetry.space_group_name_H-M   'P 1'
#
loop_
_entity.id
_entity.type
_entity.pdbx_description
1 polymer 'Spike protein S1'
2 polymer 'CA521 Heavy Chain'
3 polymer 'CA521 Light Chain'
4 non-polymer 2-acetamido-2-deoxy-beta-D-glucopyranose
#
loop_
_entity_poly.entity_id
_entity_poly.type
_entity_poly.pdbx_seq_one_letter_code
_entity_poly.pdbx_strand_id
1 'polypeptide(L)'
;TNLCPFGEVFNATRFASVYAWNRKRISNCVADYSVLYNSASFSTFKCYGVSPTKLNDLCFTNVYADSFVIRGDEVRQIAP
GQTGKIADYNYKLPDDFTGCVIAWNSNNLDSKVGGNYNYLYRLFRKSNLKPFERDISTEIYQAGSTPCNGVEGFNCYFPL
QSYGFQPTNGVGYQPYRVVVLSFELLHAPATVCG
;
A
2 'polypeptide(L)'
;EVQLQQWGAGLLKPSETLSLTCAVYGGSFSGYYWSWIRQPPGKGLEWIGEVNHSGSTNYNPSLKSRVTISVDTSKNQLSL
KLNSVTAADTAVYYCARGNTMVRGVIIPFEYWDKGTLVTVSSASTKGPSVFPLAPCSRSTSESTAALGCLVKDYFPEPVT
VSWNSGALTSGVHTFPAVLQSSGLYSLSSVVTVPSSSLGTKTYTCNVDHKPSNTKVDKRVESKYGPPCPPCPAPEAAGGP
SVFLFPPKPKDTLMISRTPEVTCVVVDVSQEDPEVQFNWYVDGVEVHNAKTKPREEQFNSTYRVVSVLTVLHQDWLNGKE
YKCKVSNKGLPSSIEKTISKAKGQPREPQVYTLPPSQEEMTKNQVSLTCLVKGFYPSDIAVEWESNGQPENNYKTTPPVL
DSDGSFFLYSRLTVDKSRWQEGNVFSCSVMHEALHNHYTQKSLSLSLG
;
B
3 'polypeptide(L)'
;EIVLTQSPATLSLSPGERATLSCRASQSVSSYLAWYQQKPGQAPRLLIYDASNRATGIPARFSGSGSGTDFTLTISSLEP
EDFAVYYCQQRSNWPLTFGGGTKVEIKRTVAAPSVFIFPPSDEQLKSGTASVVCLLNNFYPREAKVQWKVDNALQSGNSQ
ESVTEQDSKDSTYSLSSTLTLSKADYEKHKVYACEVTHQGLSSPVTKSFNRGEC
;
C
#
# COMPACT_ATOMS: atom_id res chain seq x y z
N THR A 1 -37.25 23.93 16.39
CA THR A 1 -37.89 22.72 15.89
C THR A 1 -37.64 22.53 14.40
N ASN A 2 -36.45 22.91 13.96
CA ASN A 2 -36.02 22.66 12.58
C ASN A 2 -35.43 21.27 12.49
N LEU A 3 -35.84 20.52 11.45
CA LEU A 3 -35.41 19.14 11.30
C LEU A 3 -33.89 19.04 11.22
N CYS A 4 -33.35 18.04 11.89
CA CYS A 4 -31.91 17.84 11.85
C CYS A 4 -31.48 17.44 10.44
N PRO A 5 -30.33 17.93 9.98
CA PRO A 5 -29.93 17.70 8.57
C PRO A 5 -29.30 16.34 8.34
N PHE A 6 -30.15 15.33 8.16
CA PHE A 6 -29.66 14.01 7.76
C PHE A 6 -29.50 13.90 6.25
N GLY A 7 -29.96 14.87 5.48
CA GLY A 7 -29.71 14.89 4.06
C GLY A 7 -28.32 15.33 3.68
N GLU A 8 -27.52 15.78 4.66
CA GLU A 8 -26.14 16.14 4.41
C GLU A 8 -25.15 15.07 4.87
N VAL A 9 -25.61 14.12 5.67
CA VAL A 9 -24.76 13.04 6.16
C VAL A 9 -24.96 11.77 5.34
N PHE A 10 -26.21 11.32 5.23
CA PHE A 10 -26.50 10.09 4.49
C PHE A 10 -26.46 10.31 2.99
N ASN A 11 -26.89 11.48 2.53
CA ASN A 11 -27.00 11.78 1.10
C ASN A 11 -25.78 12.52 0.56
N ALA A 12 -24.71 12.63 1.34
CA ALA A 12 -23.51 13.33 0.88
C ALA A 12 -22.89 12.61 -0.30
N THR A 13 -22.29 13.38 -1.20
CA THR A 13 -21.75 12.81 -2.43
C THR A 13 -20.35 12.22 -2.21
N ARG A 14 -19.53 12.87 -1.39
CA ARG A 14 -18.16 12.44 -1.13
C ARG A 14 -18.05 11.99 0.32
N PHE A 15 -18.20 10.68 0.55
CA PHE A 15 -17.97 10.12 1.86
C PHE A 15 -16.46 10.04 2.14
N ALA A 16 -16.09 10.36 3.37
CA ALA A 16 -14.68 10.39 3.73
C ALA A 16 -14.11 8.98 3.80
N SER A 17 -12.79 8.89 3.65
CA SER A 17 -12.10 7.63 3.83
C SER A 17 -12.18 7.20 5.28
N VAL A 18 -12.03 5.90 5.52
CA VAL A 18 -12.21 5.38 6.87
C VAL A 18 -11.11 5.85 7.80
N TYR A 19 -9.89 5.99 7.30
CA TYR A 19 -8.79 6.43 8.17
C TYR A 19 -8.89 7.91 8.51
N ALA A 20 -9.70 8.67 7.79
CA ALA A 20 -9.97 10.08 8.06
C ALA A 20 -11.47 10.33 8.11
N TRP A 21 -12.17 9.50 8.86
CA TRP A 21 -13.63 9.49 8.85
C TRP A 21 -14.18 10.86 9.20
N ASN A 22 -15.15 11.33 8.40
CA ASN A 22 -15.72 12.64 8.64
C ASN A 22 -16.55 12.64 9.92
N ARG A 23 -16.46 13.73 10.67
CA ARG A 23 -17.15 13.87 11.94
C ARG A 23 -18.03 15.10 11.90
N LYS A 24 -19.31 14.93 12.18
CA LYS A 24 -20.28 16.02 12.10
C LYS A 24 -21.08 16.08 13.40
N ARG A 25 -20.99 17.19 14.11
CA ARG A 25 -21.79 17.37 15.32
C ARG A 25 -23.19 17.84 14.94
N ILE A 26 -24.19 17.30 15.64
CA ILE A 26 -25.59 17.64 15.39
C ILE A 26 -26.20 18.04 16.72
N SER A 27 -26.76 19.24 16.76
CA SER A 27 -27.35 19.80 17.97
C SER A 27 -28.30 20.92 17.59
N ASN A 28 -29.11 21.32 18.56
CA ASN A 28 -30.05 22.44 18.41
C ASN A 28 -31.02 22.20 17.25
N CYS A 29 -31.43 20.95 17.07
CA CYS A 29 -32.41 20.61 16.04
C CYS A 29 -33.23 19.43 16.50
N VAL A 30 -34.46 19.35 15.99
CA VAL A 30 -35.31 18.18 16.25
C VAL A 30 -34.92 17.09 15.28
N ALA A 31 -34.72 15.88 15.80
CA ALA A 31 -34.25 14.75 15.00
C ALA A 31 -35.42 13.81 14.74
N ASP A 32 -35.66 13.50 13.47
CA ASP A 32 -36.70 12.58 13.06
C ASP A 32 -36.01 11.26 12.70
N TYR A 33 -36.11 10.29 13.61
CA TYR A 33 -35.52 8.96 13.40
C TYR A 33 -36.51 7.98 12.79
N SER A 34 -37.59 8.49 12.19
CA SER A 34 -38.57 7.65 11.52
C SER A 34 -38.29 7.48 10.04
N VAL A 35 -37.70 8.49 9.39
CA VAL A 35 -37.27 8.37 7.99
C VAL A 35 -36.03 7.50 7.87
N LEU A 36 -35.52 6.98 9.00
CA LEU A 36 -34.23 6.32 9.04
C LEU A 36 -34.35 4.83 9.31
N TYR A 37 -35.07 4.45 10.38
CA TYR A 37 -35.18 3.03 10.73
C TYR A 37 -35.87 2.23 9.63
N ASN A 38 -37.00 2.72 9.14
CA ASN A 38 -37.82 1.96 8.20
C ASN A 38 -37.58 2.38 6.76
N SER A 39 -36.38 2.83 6.44
CA SER A 39 -36.04 3.17 5.06
C SER A 39 -35.81 1.94 4.19
N ALA A 40 -35.62 0.77 4.81
CA ALA A 40 -35.57 -0.52 4.13
C ALA A 40 -34.43 -0.62 3.13
N SER A 41 -33.59 0.41 3.07
CA SER A 41 -32.44 0.39 2.17
C SER A 41 -31.15 -0.02 2.88
N PHE A 42 -31.03 0.32 4.16
CA PHE A 42 -29.81 0.04 4.91
C PHE A 42 -29.69 -1.46 5.11
N SER A 43 -28.62 -2.06 4.58
CA SER A 43 -28.36 -3.47 4.84
C SER A 43 -28.06 -3.70 6.31
N THR A 44 -27.46 -2.73 6.99
CA THR A 44 -27.10 -2.87 8.40
C THR A 44 -27.67 -1.70 9.18
N PHE A 45 -28.46 -2.00 10.21
CA PHE A 45 -28.94 -1.01 11.16
C PHE A 45 -28.90 -1.65 12.53
N LYS A 46 -27.80 -1.43 13.25
CA LYS A 46 -27.63 -2.02 14.57
C LYS A 46 -27.43 -0.92 15.61
N CYS A 47 -28.35 -0.81 16.55
CA CYS A 47 -28.26 0.18 17.61
C CYS A 47 -27.76 -0.49 18.88
N TYR A 48 -26.59 -0.07 19.36
CA TYR A 48 -25.91 -0.71 20.46
C TYR A 48 -26.19 -0.04 21.80
N GLY A 49 -26.91 1.06 21.80
CA GLY A 49 -27.32 1.69 23.04
C GLY A 49 -28.83 1.61 23.22
N VAL A 50 -29.51 2.71 22.93
CA VAL A 50 -30.96 2.77 23.04
C VAL A 50 -31.58 2.00 21.88
N SER A 51 -32.69 1.32 22.14
CA SER A 51 -33.33 0.50 21.12
C SER A 51 -33.76 1.37 19.95
N PRO A 52 -33.69 0.83 18.72
CA PRO A 52 -33.87 1.69 17.53
C PRO A 52 -35.20 2.41 17.44
N THR A 53 -36.31 1.69 17.42
CA THR A 53 -37.61 2.35 17.24
C THR A 53 -38.26 2.69 18.58
N LYS A 54 -37.45 3.25 19.48
CA LYS A 54 -37.92 3.89 20.70
C LYS A 54 -37.21 5.21 20.98
N LEU A 55 -36.02 5.44 20.45
CA LEU A 55 -35.26 6.66 20.64
C LEU A 55 -35.76 7.82 19.79
N ASN A 56 -36.91 7.68 19.13
CA ASN A 56 -37.47 8.80 18.39
C ASN A 56 -37.80 9.95 19.33
N ASP A 57 -38.39 9.66 20.48
CA ASP A 57 -38.76 10.66 21.49
C ASP A 57 -37.79 10.67 22.66
N LEU A 58 -36.50 10.43 22.39
CA LEU A 58 -35.46 10.49 23.41
C LEU A 58 -34.49 11.60 23.05
N CYS A 59 -34.15 12.43 24.04
CA CYS A 59 -33.36 13.63 23.82
C CYS A 59 -31.92 13.43 24.28
N PHE A 60 -30.99 13.87 23.44
CA PHE A 60 -29.56 13.84 23.73
C PHE A 60 -28.99 15.23 23.50
N THR A 61 -27.90 15.54 24.19
CA THR A 61 -27.32 16.88 24.10
C THR A 61 -26.42 17.06 22.89
N ASN A 62 -26.06 15.98 22.20
CA ASN A 62 -25.24 16.04 20.99
C ASN A 62 -25.30 14.69 20.30
N VAL A 63 -25.36 14.73 18.97
CA VAL A 63 -25.33 13.52 18.16
C VAL A 63 -24.15 13.66 17.22
N TYR A 64 -23.14 12.81 17.37
CA TYR A 64 -21.93 12.90 16.58
C TYR A 64 -22.02 11.84 15.48
N ALA A 65 -22.04 12.28 14.23
CA ALA A 65 -22.15 11.39 13.08
C ALA A 65 -20.78 11.19 12.46
N ASP A 66 -20.33 9.94 12.41
CA ASP A 66 -19.06 9.57 11.83
C ASP A 66 -19.32 8.84 10.51
N SER A 67 -18.91 9.44 9.41
CA SER A 67 -19.19 8.89 8.09
C SER A 67 -17.90 8.40 7.44
N PHE A 68 -17.95 7.21 6.87
CA PHE A 68 -16.80 6.65 6.16
C PHE A 68 -17.28 5.55 5.23
N VAL A 69 -16.34 4.87 4.59
CA VAL A 69 -16.63 3.79 3.65
C VAL A 69 -15.69 2.63 3.94
N ILE A 70 -16.25 1.42 4.04
CA ILE A 70 -15.49 0.22 4.33
C ILE A 70 -16.05 -0.93 3.49
N ARG A 71 -15.33 -2.04 3.48
CA ARG A 71 -15.77 -3.22 2.76
C ARG A 71 -16.98 -3.83 3.44
N GLY A 72 -17.63 -4.77 2.73
CA GLY A 72 -18.76 -5.46 3.31
C GLY A 72 -18.38 -6.36 4.47
N ASP A 73 -17.25 -7.06 4.35
CA ASP A 73 -16.79 -7.93 5.41
C ASP A 73 -16.26 -7.16 6.62
N GLU A 74 -16.06 -5.85 6.49
CA GLU A 74 -15.51 -5.04 7.56
C GLU A 74 -16.57 -4.18 8.24
N VAL A 75 -17.85 -4.37 7.94
CA VAL A 75 -18.88 -3.67 8.69
C VAL A 75 -19.23 -4.40 9.97
N ARG A 76 -18.87 -5.67 10.07
CA ARG A 76 -19.04 -6.40 11.33
C ARG A 76 -18.06 -5.95 12.40
N GLN A 77 -17.05 -5.17 12.03
CA GLN A 77 -16.09 -4.65 12.99
C GLN A 77 -16.48 -3.29 13.53
N ILE A 78 -17.56 -2.69 13.04
CA ILE A 78 -18.06 -1.43 13.60
C ILE A 78 -19.05 -1.82 14.70
N ALA A 79 -18.50 -2.08 15.88
CA ALA A 79 -19.27 -2.49 17.04
C ALA A 79 -18.39 -2.30 18.27
N PRO A 80 -18.98 -2.11 19.44
CA PRO A 80 -18.16 -1.98 20.66
C PRO A 80 -17.36 -3.25 20.92
N GLY A 81 -16.05 -3.09 21.04
CA GLY A 81 -15.18 -4.21 21.34
C GLY A 81 -15.02 -5.21 20.21
N GLN A 82 -14.34 -4.82 19.13
CA GLN A 82 -14.12 -5.69 18.00
C GLN A 82 -12.66 -5.62 17.56
N THR A 83 -12.29 -6.46 16.61
CA THR A 83 -10.93 -6.64 16.14
C THR A 83 -10.84 -6.32 14.66
N GLY A 84 -9.70 -6.64 14.07
CA GLY A 84 -9.45 -6.37 12.66
C GLY A 84 -8.48 -5.23 12.47
N LYS A 85 -8.44 -4.71 11.25
CA LYS A 85 -7.66 -3.53 10.93
C LYS A 85 -8.49 -2.26 10.87
N ILE A 86 -9.80 -2.35 11.10
CA ILE A 86 -10.66 -1.19 11.14
C ILE A 86 -10.97 -0.76 12.57
N ALA A 87 -11.30 -1.71 13.43
CA ALA A 87 -11.48 -1.39 14.84
C ALA A 87 -10.16 -1.11 15.53
N ASP A 88 -9.06 -1.69 15.04
CA ASP A 88 -7.78 -1.48 15.69
C ASP A 88 -7.16 -0.15 15.31
N TYR A 89 -6.85 0.03 14.02
CA TYR A 89 -5.99 1.13 13.60
C TYR A 89 -6.74 2.26 12.91
N ASN A 90 -8.03 2.09 12.60
CA ASN A 90 -8.77 3.10 11.86
C ASN A 90 -9.88 3.76 12.66
N TYR A 91 -10.77 2.98 13.27
CA TYR A 91 -11.93 3.55 13.96
C TYR A 91 -12.40 2.55 15.00
N LYS A 92 -12.19 2.85 16.27
CA LYS A 92 -12.57 1.96 17.35
C LYS A 92 -13.72 2.58 18.14
N LEU A 93 -14.85 1.89 18.14
CA LEU A 93 -15.98 2.30 18.97
C LEU A 93 -15.72 1.91 20.41
N PRO A 94 -15.99 2.79 21.38
CA PRO A 94 -15.73 2.44 22.78
C PRO A 94 -16.63 1.32 23.24
N ASP A 95 -16.17 0.62 24.28
CA ASP A 95 -16.94 -0.47 24.85
C ASP A 95 -18.23 -0.01 25.51
N ASP A 96 -18.37 1.28 25.79
CA ASP A 96 -19.58 1.86 26.36
C ASP A 96 -20.36 2.63 25.30
N PHE A 97 -20.38 2.12 24.08
CA PHE A 97 -21.05 2.80 22.98
C PHE A 97 -22.54 2.91 23.23
N THR A 98 -23.09 4.10 23.00
CA THR A 98 -24.53 4.37 23.11
C THR A 98 -24.97 5.10 21.84
N GLY A 99 -25.32 4.33 20.81
CA GLY A 99 -25.69 4.90 19.55
C GLY A 99 -26.12 3.84 18.57
N CYS A 100 -26.13 4.21 17.29
CA CYS A 100 -26.55 3.33 16.22
C CYS A 100 -25.48 3.31 15.14
N VAL A 101 -25.43 2.20 14.39
CA VAL A 101 -24.53 2.03 13.27
C VAL A 101 -25.36 1.71 12.05
N ILE A 102 -25.16 2.45 10.97
CA ILE A 102 -25.95 2.36 9.76
C ILE A 102 -25.00 2.11 8.61
N ALA A 103 -25.36 1.19 7.72
CA ALA A 103 -24.45 0.83 6.64
C ALA A 103 -25.28 0.37 5.45
N TRP A 104 -25.15 1.06 4.33
CA TRP A 104 -25.86 0.68 3.11
C TRP A 104 -24.88 0.46 1.98
N ASN A 105 -25.11 -0.60 1.21
CA ASN A 105 -24.21 -0.95 0.11
C ASN A 105 -24.18 0.16 -0.91
N SER A 106 -22.99 0.43 -1.44
CA SER A 106 -22.77 1.54 -2.36
C SER A 106 -21.99 1.08 -3.57
N ASN A 107 -22.42 -0.04 -4.16
CA ASN A 107 -21.79 -0.53 -5.38
C ASN A 107 -22.15 0.33 -6.59
N ASN A 108 -23.10 1.26 -6.44
CA ASN A 108 -23.52 2.13 -7.53
C ASN A 108 -22.91 3.52 -7.44
N LEU A 109 -22.19 3.82 -6.38
CA LEU A 109 -21.64 5.15 -6.16
C LEU A 109 -20.13 5.16 -5.98
N ASP A 110 -19.55 4.11 -5.43
CA ASP A 110 -18.13 4.06 -5.09
C ASP A 110 -17.48 2.82 -5.67
N SER A 111 -17.73 2.57 -6.96
CA SER A 111 -17.03 1.52 -7.69
C SER A 111 -16.97 1.96 -9.15
N LYS A 112 -15.75 2.18 -9.65
CA LYS A 112 -15.53 2.72 -10.97
C LYS A 112 -15.16 1.61 -11.94
N VAL A 113 -14.73 1.99 -13.15
CA VAL A 113 -14.58 1.03 -14.24
C VAL A 113 -13.61 -0.07 -13.88
N GLY A 114 -12.42 0.30 -13.40
CA GLY A 114 -11.40 -0.68 -13.10
C GLY A 114 -11.06 -0.77 -11.63
N GLY A 115 -11.64 0.12 -10.83
CA GLY A 115 -11.41 0.14 -9.41
C GLY A 115 -11.37 1.53 -8.83
N ASN A 116 -12.11 1.75 -7.74
CA ASN A 116 -12.17 3.06 -7.09
C ASN A 116 -11.15 3.05 -5.95
N TYR A 117 -9.93 3.49 -6.26
CA TYR A 117 -8.84 3.50 -5.30
C TYR A 117 -8.77 4.77 -4.48
N ASN A 118 -9.87 5.51 -4.37
CA ASN A 118 -9.85 6.79 -3.67
C ASN A 118 -10.12 6.66 -2.17
N TYR A 119 -10.38 5.46 -1.67
CA TYR A 119 -10.66 5.24 -0.26
C TYR A 119 -9.52 4.42 0.35
N LEU A 120 -8.93 4.94 1.42
CA LEU A 120 -7.78 4.32 2.06
C LEU A 120 -8.10 3.95 3.51
N TYR A 121 -7.32 3.02 4.04
CA TYR A 121 -7.42 2.63 5.43
C TYR A 121 -6.02 2.48 6.01
N ARG A 122 -5.93 2.58 7.33
CA ARG A 122 -4.66 2.52 8.03
C ARG A 122 -4.28 1.07 8.24
N LEU A 123 -3.42 0.55 7.38
CA LEU A 123 -3.03 -0.85 7.46
C LEU A 123 -2.04 -1.12 8.58
N PHE A 124 -1.17 -0.15 8.88
CA PHE A 124 -0.11 -0.32 9.86
C PHE A 124 -0.19 0.76 10.93
N ARG A 125 0.10 0.38 12.17
CA ARG A 125 0.11 1.31 13.28
C ARG A 125 0.84 0.68 14.46
N LYS A 126 1.53 1.52 15.24
CA LYS A 126 2.26 1.03 16.40
C LYS A 126 1.33 0.42 17.43
N SER A 127 0.30 1.16 17.82
CA SER A 127 -0.63 0.72 18.86
C SER A 127 -2.06 0.97 18.40
N ASN A 128 -2.98 0.17 18.95
CA ASN A 128 -4.38 0.27 18.56
C ASN A 128 -4.92 1.65 18.88
N LEU A 129 -5.94 2.06 18.13
CA LEU A 129 -6.55 3.37 18.30
C LEU A 129 -7.42 3.37 19.55
N LYS A 130 -7.18 4.32 20.45
CA LYS A 130 -8.06 4.50 21.58
C LYS A 130 -9.43 4.96 21.08
N PRO A 131 -10.50 4.64 21.80
CA PRO A 131 -11.85 4.92 21.29
C PRO A 131 -12.03 6.35 20.81
N PHE A 132 -12.55 6.47 19.59
CA PHE A 132 -12.83 7.74 18.92
C PHE A 132 -11.57 8.56 18.66
N GLU A 133 -10.41 7.92 18.56
CA GLU A 133 -9.20 8.61 18.13
C GLU A 133 -9.13 8.59 16.62
N ARG A 134 -8.49 9.63 16.06
CA ARG A 134 -8.41 9.82 14.61
C ARG A 134 -6.96 10.13 14.25
N ASP A 135 -6.31 9.18 13.59
CA ASP A 135 -4.89 9.29 13.24
C ASP A 135 -4.79 9.49 11.73
N ILE A 136 -4.71 10.75 11.32
CA ILE A 136 -4.64 11.09 9.90
C ILE A 136 -3.20 11.19 9.41
N SER A 137 -2.22 11.15 10.30
CA SER A 137 -0.82 11.27 9.90
C SER A 137 -0.39 10.08 9.05
N THR A 138 0.48 10.36 8.08
CA THR A 138 0.99 9.36 7.17
C THR A 138 2.47 9.07 7.43
N GLU A 139 2.85 9.03 8.71
CA GLU A 139 4.22 8.71 9.06
C GLU A 139 4.54 7.26 8.70
N ILE A 140 5.78 7.02 8.28
CA ILE A 140 6.18 5.73 7.76
C ILE A 140 6.34 4.75 8.92
N TYR A 141 5.49 3.74 8.97
CA TYR A 141 5.56 2.71 9.99
C TYR A 141 6.85 1.93 9.86
N GLN A 142 7.40 1.52 11.00
CA GLN A 142 8.64 0.75 11.05
C GLN A 142 8.36 -0.65 11.55
N ALA A 143 8.84 -1.65 10.81
CA ALA A 143 8.60 -3.05 11.15
C ALA A 143 9.90 -3.81 11.39
N GLY A 144 10.99 -3.10 11.72
CA GLY A 144 12.26 -3.74 11.97
C GLY A 144 13.09 -2.89 12.91
N SER A 145 14.32 -3.36 13.16
CA SER A 145 15.25 -2.64 14.02
C SER A 145 15.93 -1.48 13.32
N THR A 146 15.85 -1.40 12.01
CA THR A 146 16.48 -0.31 11.27
C THR A 146 15.64 0.95 11.36
N PRO A 147 16.22 2.08 11.78
CA PRO A 147 15.46 3.33 11.78
C PRO A 147 15.02 3.72 10.37
N CYS A 148 13.84 4.32 10.28
CA CYS A 148 13.29 4.69 8.98
C CYS A 148 13.84 6.01 8.45
N ASN A 149 14.09 6.97 9.34
CA ASN A 149 14.61 8.29 8.99
C ASN A 149 13.69 9.04 8.03
N GLY A 150 12.43 8.63 7.92
CA GLY A 150 11.49 9.31 7.05
C GLY A 150 11.54 8.92 5.59
N VAL A 151 12.44 8.03 5.20
CA VAL A 151 12.51 7.54 3.83
C VAL A 151 11.90 6.14 3.78
N GLU A 152 10.98 5.94 2.83
CA GLU A 152 10.19 4.72 2.79
C GLU A 152 10.94 3.62 2.05
N GLY A 153 10.91 2.43 2.59
CA GLY A 153 11.62 1.31 1.99
C GLY A 153 11.21 0.01 2.64
N PHE A 154 12.02 -1.03 2.41
CA PHE A 154 11.78 -2.29 3.07
C PHE A 154 11.86 -2.10 4.57
N ASN A 155 10.98 -2.77 5.31
CA ASN A 155 10.88 -2.66 6.76
C ASN A 155 10.39 -1.29 7.18
N CYS A 156 10.09 -0.41 6.23
CA CYS A 156 9.54 0.92 6.49
C CYS A 156 8.32 1.09 5.59
N TYR A 157 7.18 0.60 6.04
CA TYR A 157 5.98 0.52 5.22
C TYR A 157 5.16 1.80 5.32
N PHE A 158 4.61 2.22 4.19
CA PHE A 158 3.65 3.31 4.18
C PHE A 158 2.38 2.84 4.88
N PRO A 159 1.92 3.56 5.90
CA PRO A 159 0.85 2.99 6.75
C PRO A 159 -0.46 2.72 6.02
N LEU A 160 -0.82 3.54 5.04
CA LEU A 160 -2.13 3.44 4.43
C LEU A 160 -2.16 2.38 3.34
N GLN A 161 -3.37 2.02 2.93
CA GLN A 161 -3.59 1.05 1.87
C GLN A 161 -4.94 1.33 1.22
N SER A 162 -5.06 0.98 -0.05
CA SER A 162 -6.18 1.41 -0.88
C SER A 162 -7.18 0.26 -1.09
N TYR A 163 -8.44 0.52 -0.76
CA TYR A 163 -9.54 -0.36 -1.15
C TYR A 163 -9.66 -0.44 -2.66
N GLY A 164 -9.70 -1.67 -3.19
CA GLY A 164 -9.89 -1.89 -4.61
C GLY A 164 -11.33 -2.12 -5.02
N PHE A 165 -12.21 -1.19 -4.66
CA PHE A 165 -13.64 -1.37 -4.93
C PHE A 165 -13.90 -1.46 -6.44
N GLN A 166 -14.65 -2.46 -6.84
CA GLN A 166 -15.09 -2.65 -8.22
C GLN A 166 -16.56 -3.03 -8.23
N PRO A 167 -17.27 -2.73 -9.32
CA PRO A 167 -18.67 -3.16 -9.42
C PRO A 167 -18.84 -4.67 -9.50
N THR A 168 -17.79 -5.42 -9.81
CA THR A 168 -17.88 -6.86 -10.00
C THR A 168 -17.07 -7.60 -8.95
N ASN A 169 -17.16 -7.16 -7.69
CA ASN A 169 -16.55 -7.85 -6.58
C ASN A 169 -17.57 -8.74 -5.89
N GLY A 170 -17.07 -9.59 -4.99
CA GLY A 170 -17.96 -10.33 -4.12
C GLY A 170 -18.73 -9.41 -3.20
N VAL A 171 -19.78 -9.96 -2.58
CA VAL A 171 -20.62 -9.13 -1.72
C VAL A 171 -19.81 -8.58 -0.55
N GLY A 172 -18.83 -9.34 -0.07
CA GLY A 172 -17.96 -8.83 0.97
C GLY A 172 -17.10 -7.68 0.51
N TYR A 173 -16.52 -7.81 -0.69
CA TYR A 173 -15.56 -6.83 -1.18
C TYR A 173 -16.21 -5.66 -1.90
N GLN A 174 -17.50 -5.44 -1.70
CA GLN A 174 -18.18 -4.28 -2.26
C GLN A 174 -18.30 -3.18 -1.21
N PRO A 175 -18.27 -1.92 -1.62
CA PRO A 175 -18.28 -0.83 -0.64
C PRO A 175 -19.59 -0.77 0.13
N TYR A 176 -19.51 -0.30 1.36
CA TYR A 176 -20.68 -0.10 2.22
C TYR A 176 -20.50 1.24 2.91
N ARG A 177 -21.26 2.24 2.48
CA ARG A 177 -21.16 3.53 3.13
C ARG A 177 -21.72 3.41 4.54
N VAL A 178 -20.95 3.85 5.54
CA VAL A 178 -21.26 3.65 6.94
C VAL A 178 -21.36 4.99 7.65
N VAL A 179 -22.43 5.16 8.43
CA VAL A 179 -22.62 6.31 9.28
C VAL A 179 -22.87 5.81 10.70
N VAL A 180 -22.04 6.25 11.63
CA VAL A 180 -22.15 5.87 13.04
C VAL A 180 -22.67 7.07 13.81
N LEU A 181 -23.89 6.95 14.33
CA LEU A 181 -24.50 8.01 15.12
C LEU A 181 -24.23 7.72 16.59
N SER A 182 -23.42 8.54 17.23
CA SER A 182 -23.07 8.37 18.64
C SER A 182 -23.78 9.47 19.42
N PHE A 183 -24.75 9.08 20.23
CA PHE A 183 -25.44 10.04 21.06
C PHE A 183 -24.67 10.24 22.37
N GLU A 184 -24.59 11.48 22.84
CA GLU A 184 -23.95 11.71 24.13
C GLU A 184 -24.87 12.52 25.02
N LEU A 185 -24.72 12.31 26.32
CA LEU A 185 -25.49 13.00 27.34
C LEU A 185 -24.54 13.68 28.32
N LEU A 186 -24.78 14.96 28.58
CA LEU A 186 -23.93 15.72 29.50
C LEU A 186 -24.79 16.46 30.52
N HIS A 187 -24.16 17.34 31.31
CA HIS A 187 -24.91 18.16 32.26
C HIS A 187 -25.34 19.48 31.64
N ALA A 188 -25.92 19.38 30.44
CA ALA A 188 -26.39 20.52 29.68
C ALA A 188 -27.77 20.19 29.13
N PRO A 189 -28.62 21.18 28.91
CA PRO A 189 -29.97 20.89 28.40
C PRO A 189 -29.92 20.17 27.07
N ALA A 190 -30.83 19.22 26.90
CA ALA A 190 -30.90 18.46 25.67
C ALA A 190 -31.36 19.35 24.51
N THR A 191 -30.79 19.12 23.33
CA THR A 191 -31.11 19.91 22.16
C THR A 191 -31.54 19.08 20.95
N VAL A 192 -31.56 17.74 21.07
CA VAL A 192 -31.86 16.86 19.95
C VAL A 192 -32.99 15.95 20.39
N CYS A 193 -34.22 16.28 19.97
CA CYS A 193 -35.38 15.45 20.31
C CYS A 193 -36.13 15.04 19.06
N GLY A 194 -37.33 14.48 19.22
CA GLY A 194 -38.13 14.04 18.09
C GLY A 194 -39.58 14.46 18.13
N GLY B 10 25.93 -17.23 5.64
CA GLY B 10 26.86 -18.19 6.23
C GLY B 10 27.80 -18.80 5.21
N LEU B 11 28.71 -19.65 5.69
CA LEU B 11 29.67 -20.33 4.83
C LEU B 11 29.14 -21.72 4.46
N LEU B 12 28.08 -21.70 3.65
CA LEU B 12 27.38 -22.93 3.30
C LEU B 12 28.27 -23.84 2.46
N LYS B 13 28.09 -25.14 2.64
CA LYS B 13 28.86 -26.14 1.92
C LYS B 13 28.46 -26.15 0.44
N PRO B 14 29.33 -26.64 -0.45
CA PRO B 14 29.08 -26.47 -1.89
C PRO B 14 27.90 -27.26 -2.43
N SER B 15 27.24 -28.09 -1.62
CA SER B 15 26.02 -28.74 -2.05
C SER B 15 24.92 -28.70 -0.99
N GLU B 16 25.16 -28.08 0.16
CA GLU B 16 24.12 -27.92 1.15
C GLU B 16 23.06 -26.95 0.66
N THR B 17 21.80 -27.29 0.90
CA THR B 17 20.69 -26.54 0.36
C THR B 17 20.70 -25.10 0.89
N LEU B 18 20.13 -24.20 0.09
CA LEU B 18 20.07 -22.78 0.38
C LEU B 18 18.75 -22.47 1.07
N SER B 19 18.76 -21.49 1.97
CA SER B 19 17.54 -21.12 2.69
C SER B 19 17.73 -19.72 3.26
N LEU B 20 16.97 -18.76 2.74
CA LEU B 20 16.94 -17.42 3.30
C LEU B 20 15.49 -16.99 3.54
N THR B 21 15.31 -16.09 4.50
CA THR B 21 13.99 -15.61 4.85
C THR B 21 14.01 -14.12 5.10
N CYS B 22 12.94 -13.45 4.72
CA CYS B 22 12.72 -12.03 5.03
C CYS B 22 11.34 -11.84 5.64
N ALA B 23 11.19 -10.73 6.35
CA ALA B 23 9.94 -10.39 7.01
C ALA B 23 9.18 -9.40 6.15
N VAL B 24 7.96 -9.77 5.77
CA VAL B 24 7.10 -8.93 4.94
C VAL B 24 5.74 -8.84 5.61
N TYR B 25 5.20 -7.63 5.69
CA TYR B 25 3.96 -7.38 6.40
C TYR B 25 2.96 -6.69 5.49
N GLY B 26 1.68 -7.05 5.63
CA GLY B 26 0.62 -6.33 4.96
C GLY B 26 0.04 -6.93 3.70
N GLY B 27 -0.25 -8.22 3.72
CA GLY B 27 -1.11 -8.80 2.71
C GLY B 27 -0.50 -8.94 1.32
N SER B 28 -1.39 -9.27 0.38
CA SER B 28 -1.05 -9.58 -1.01
C SER B 28 -2.00 -8.87 -1.96
N PHE B 29 -2.16 -7.56 -1.75
CA PHE B 29 -3.25 -6.79 -2.33
C PHE B 29 -3.16 -6.53 -3.82
N SER B 30 -3.36 -7.57 -4.63
CA SER B 30 -3.72 -7.44 -6.05
C SER B 30 -2.76 -6.52 -6.81
N GLY B 31 -1.52 -7.00 -6.93
CA GLY B 31 -0.52 -6.29 -7.69
C GLY B 31 0.86 -6.37 -7.08
N TYR B 32 0.92 -6.89 -5.86
CA TYR B 32 2.16 -6.88 -5.09
C TYR B 32 3.08 -8.01 -5.52
N TYR B 33 4.31 -7.66 -5.89
CA TYR B 33 5.35 -8.63 -6.15
C TYR B 33 6.09 -8.93 -4.84
N TRP B 34 6.86 -10.02 -4.86
CA TRP B 34 7.88 -10.26 -3.83
C TRP B 34 9.00 -11.05 -4.52
N SER B 35 9.99 -10.32 -5.03
CA SER B 35 11.01 -10.96 -5.86
C SER B 35 12.31 -11.12 -5.08
N TRP B 36 13.23 -11.89 -5.67
CA TRP B 36 14.53 -12.16 -5.08
C TRP B 36 15.58 -11.89 -6.13
N ILE B 37 16.63 -11.16 -5.75
CA ILE B 37 17.64 -10.69 -6.69
C ILE B 37 19.02 -11.06 -6.18
N ARG B 38 19.77 -11.81 -7.00
CA ARG B 38 21.17 -12.07 -6.73
C ARG B 38 21.99 -10.80 -6.88
N GLN B 39 23.26 -10.90 -6.54
CA GLN B 39 24.28 -9.97 -7.01
C GLN B 39 25.63 -10.63 -6.86
N PRO B 40 26.16 -11.26 -7.91
CA PRO B 40 27.47 -11.88 -7.80
C PRO B 40 28.52 -10.84 -7.45
N PRO B 41 29.56 -11.24 -6.73
CA PRO B 41 30.50 -10.24 -6.17
C PRO B 41 31.31 -9.58 -7.27
N GLY B 42 31.16 -8.27 -7.40
CA GLY B 42 31.87 -7.51 -8.40
C GLY B 42 31.27 -7.54 -9.78
N LYS B 43 30.06 -8.04 -9.95
CA LYS B 43 29.41 -8.14 -11.24
C LYS B 43 28.04 -7.48 -11.19
N GLY B 44 27.32 -7.56 -12.32
CA GLY B 44 26.05 -6.90 -12.45
C GLY B 44 24.91 -7.64 -11.79
N LEU B 45 23.74 -7.02 -11.83
CA LEU B 45 22.57 -7.57 -11.16
C LEU B 45 21.99 -8.73 -11.96
N GLU B 46 21.53 -9.76 -11.25
CA GLU B 46 20.78 -10.86 -11.83
C GLU B 46 19.60 -11.13 -10.91
N TRP B 47 18.48 -11.57 -11.47
CA TRP B 47 17.27 -11.70 -10.67
C TRP B 47 16.92 -13.17 -10.56
N ILE B 48 16.29 -13.54 -9.45
CA ILE B 48 15.81 -14.91 -9.28
C ILE B 48 14.39 -14.94 -8.72
N GLY B 49 13.41 -15.03 -9.61
CA GLY B 49 12.04 -15.27 -9.23
C GLY B 49 11.27 -14.10 -8.66
N GLU B 50 10.00 -13.98 -9.06
CA GLU B 50 9.04 -13.09 -8.40
C GLU B 50 7.74 -13.86 -8.17
N VAL B 51 7.12 -13.65 -7.02
CA VAL B 51 5.79 -14.17 -6.74
C VAL B 51 4.82 -13.00 -6.76
N ASN B 52 3.84 -13.09 -7.64
CA ASN B 52 2.88 -12.00 -7.80
C ASN B 52 1.89 -12.05 -6.63
N HIS B 53 0.87 -11.20 -6.68
CA HIS B 53 -0.07 -11.12 -5.57
C HIS B 53 -1.06 -12.27 -5.53
N SER B 54 -1.42 -12.84 -6.68
CA SER B 54 -2.41 -13.90 -6.65
C SER B 54 -1.79 -15.25 -6.32
N GLY B 55 -1.09 -15.86 -7.28
CA GLY B 55 -0.31 -17.04 -6.98
C GLY B 55 0.84 -17.31 -7.93
N SER B 56 1.08 -16.40 -8.87
CA SER B 56 1.89 -16.74 -10.04
C SER B 56 3.37 -16.64 -9.71
N THR B 57 4.05 -17.77 -9.76
CA THR B 57 5.48 -17.86 -9.46
C THR B 57 6.23 -18.29 -10.71
N ASN B 58 7.20 -17.49 -11.13
CA ASN B 58 8.04 -17.83 -12.27
C ASN B 58 9.48 -17.46 -11.99
N TYR B 59 10.41 -18.18 -12.65
CA TYR B 59 11.84 -18.06 -12.38
C TYR B 59 12.67 -17.88 -13.64
N ASN B 60 13.99 -17.99 -13.46
CA ASN B 60 15.02 -18.11 -14.48
C ASN B 60 15.22 -19.59 -14.77
N PRO B 61 16.18 -19.98 -15.63
CA PRO B 61 16.50 -21.41 -15.75
C PRO B 61 17.18 -22.01 -14.52
N SER B 62 17.21 -21.27 -13.41
CA SER B 62 17.68 -21.80 -12.15
C SER B 62 16.52 -22.44 -11.40
N LEU B 63 16.76 -23.62 -10.82
CA LEU B 63 15.72 -24.43 -10.19
C LEU B 63 15.55 -24.05 -8.71
N LYS B 64 15.12 -22.81 -8.48
CA LYS B 64 14.83 -22.36 -7.14
C LYS B 64 13.44 -22.86 -6.70
N SER B 65 13.23 -22.87 -5.39
CA SER B 65 12.01 -23.44 -4.81
C SER B 65 11.46 -22.54 -3.71
N ARG B 66 11.39 -21.24 -4.01
CA ARG B 66 11.00 -20.23 -3.04
C ARG B 66 9.49 -20.04 -3.03
N VAL B 67 8.95 -19.66 -1.87
CA VAL B 67 7.52 -19.45 -1.70
C VAL B 67 7.31 -18.39 -0.62
N THR B 68 6.38 -17.46 -0.87
CA THR B 68 6.01 -16.47 0.12
C THR B 68 4.77 -16.91 0.88
N ILE B 69 4.61 -16.37 2.08
CA ILE B 69 3.40 -16.57 2.86
C ILE B 69 3.12 -15.33 3.70
N SER B 70 1.99 -14.68 3.45
CA SER B 70 1.66 -13.43 4.10
C SER B 70 1.17 -13.61 5.53
N VAL B 71 0.46 -14.68 5.81
CA VAL B 71 0.25 -15.10 7.19
C VAL B 71 1.57 -15.70 7.65
N ASP B 72 1.90 -15.49 8.93
CA ASP B 72 3.21 -15.79 9.50
C ASP B 72 4.24 -14.79 8.99
N THR B 73 3.83 -13.94 8.04
CA THR B 73 4.62 -12.80 7.55
C THR B 73 6.06 -13.21 7.23
N SER B 74 6.22 -14.08 6.23
CA SER B 74 7.57 -14.57 5.93
C SER B 74 7.70 -14.89 4.45
N LYS B 75 8.74 -14.33 3.83
CA LYS B 75 9.20 -14.77 2.53
C LYS B 75 10.36 -15.75 2.68
N ASN B 76 10.30 -16.84 1.94
CA ASN B 76 11.32 -17.87 1.99
C ASN B 76 11.85 -18.15 0.59
N GLN B 77 13.17 -18.24 0.48
CA GLN B 77 13.84 -18.52 -0.79
C GLN B 77 14.78 -19.70 -0.54
N LEU B 78 14.45 -20.85 -1.12
CA LEU B 78 15.26 -22.04 -1.01
C LEU B 78 16.00 -22.30 -2.32
N SER B 79 16.67 -23.44 -2.41
CA SER B 79 17.31 -23.90 -3.63
C SER B 79 17.57 -25.40 -3.47
N LEU B 80 18.29 -25.98 -4.42
CA LEU B 80 18.75 -27.36 -4.28
C LEU B 80 20.27 -27.45 -4.24
N LYS B 81 20.96 -26.97 -5.27
CA LYS B 81 22.40 -27.07 -5.39
C LYS B 81 23.02 -25.69 -5.27
N LEU B 82 24.09 -25.59 -4.49
CA LEU B 82 24.76 -24.32 -4.22
C LEU B 82 26.23 -24.44 -4.57
N ASN B 83 26.51 -24.94 -5.76
CA ASN B 83 27.89 -25.11 -6.21
C ASN B 83 28.56 -23.76 -6.40
N SER B 84 29.71 -23.59 -5.78
CA SER B 84 30.53 -22.38 -5.89
C SER B 84 29.74 -21.11 -5.61
N ASP B 89 25.15 -20.15 -6.20
CA ASP B 89 26.44 -19.50 -6.38
C ASP B 89 26.61 -18.34 -5.38
N THR B 90 27.86 -17.95 -5.14
CA THR B 90 28.13 -16.86 -4.20
C THR B 90 27.60 -15.54 -4.76
N ALA B 91 26.87 -14.81 -3.94
CA ALA B 91 26.27 -13.55 -4.36
C ALA B 91 25.78 -12.82 -3.11
N VAL B 92 25.02 -11.75 -3.32
CA VAL B 92 24.34 -11.02 -2.26
C VAL B 92 22.86 -10.96 -2.64
N TYR B 93 22.00 -11.46 -1.76
CA TYR B 93 20.59 -11.69 -2.09
C TYR B 93 19.72 -10.64 -1.43
N TYR B 94 18.83 -10.04 -2.20
CA TYR B 94 17.96 -8.96 -1.74
C TYR B 94 16.50 -9.38 -1.82
N CYS B 95 15.69 -8.87 -0.89
CA CYS B 95 14.25 -9.11 -0.87
C CYS B 95 13.54 -7.86 -1.36
N ALA B 96 12.93 -7.94 -2.54
CA ALA B 96 12.23 -6.78 -3.10
C ALA B 96 10.78 -6.76 -2.64
N ARG B 97 10.07 -5.70 -3.02
CA ARG B 97 8.63 -5.57 -2.72
C ARG B 97 8.02 -4.77 -3.86
N GLY B 98 7.53 -5.47 -4.87
CA GLY B 98 6.95 -4.80 -6.02
C GLY B 98 5.49 -4.46 -5.82
N ASN B 99 5.05 -3.43 -6.56
CA ASN B 99 3.64 -3.04 -6.59
C ASN B 99 3.25 -2.63 -8.00
N THR B 100 3.63 -3.43 -8.99
CA THR B 100 3.53 -2.97 -10.37
C THR B 100 2.09 -2.89 -10.84
N MET B 101 1.31 -2.02 -10.21
CA MET B 101 -0.04 -1.70 -10.64
C MET B 101 -0.52 -0.46 -9.88
N VAL B 102 -0.94 0.58 -10.60
CA VAL B 102 -1.22 1.87 -10.00
C VAL B 102 -2.45 1.78 -9.11
N ARG B 103 -2.25 1.81 -7.79
CA ARG B 103 -3.32 1.64 -6.82
C ARG B 103 -3.89 2.96 -6.33
N GLY B 104 -3.89 3.99 -7.16
CA GLY B 104 -4.43 5.29 -6.76
C GLY B 104 -3.35 6.17 -6.14
N VAL B 105 -3.50 6.46 -4.84
CA VAL B 105 -2.46 7.18 -4.13
C VAL B 105 -1.21 6.32 -3.99
N ILE B 106 -1.39 5.02 -3.81
CA ILE B 106 -0.27 4.10 -3.60
C ILE B 106 0.40 3.87 -4.95
N ILE B 107 1.47 4.62 -5.21
CA ILE B 107 2.24 4.53 -6.44
C ILE B 107 2.91 3.16 -6.49
N PRO B 108 3.11 2.56 -7.66
CA PRO B 108 3.95 1.36 -7.74
C PRO B 108 5.36 1.66 -7.24
N PHE B 109 5.97 0.65 -6.61
CA PHE B 109 7.24 0.85 -5.93
C PHE B 109 8.05 -0.44 -5.94
N GLU B 110 9.23 -0.38 -5.31
CA GLU B 110 10.08 -1.53 -5.10
C GLU B 110 11.18 -1.18 -4.09
N TYR B 111 11.43 -2.03 -3.11
CA TYR B 111 12.40 -1.76 -2.06
C TYR B 111 13.11 -3.04 -1.67
N TRP B 112 14.41 -2.93 -1.40
CA TRP B 112 15.27 -4.10 -1.29
C TRP B 112 15.91 -4.20 0.10
N ASP B 113 16.20 -5.43 0.51
CA ASP B 113 16.92 -5.74 1.74
C ASP B 113 18.41 -5.83 1.46
N LYS B 114 19.16 -6.42 2.38
CA LYS B 114 20.54 -6.85 2.14
C LYS B 114 20.74 -8.24 2.72
N GLY B 115 21.75 -8.95 2.20
CA GLY B 115 22.08 -10.28 2.70
C GLY B 115 23.00 -11.04 1.78
N THR B 116 23.99 -11.73 2.34
CA THR B 116 25.06 -12.35 1.56
C THR B 116 25.01 -13.87 1.70
N LEU B 117 25.85 -14.53 0.89
CA LEU B 117 26.06 -15.97 0.96
C LEU B 117 27.42 -16.30 0.35
N VAL B 118 28.12 -17.27 0.93
CA VAL B 118 29.42 -17.70 0.47
C VAL B 118 29.43 -19.22 0.48
N THR B 119 30.32 -19.81 -0.33
CA THR B 119 30.46 -21.26 -0.35
C THR B 119 31.92 -21.68 -0.15
N VAL B 120 32.21 -22.95 -0.34
CA VAL B 120 33.57 -23.46 -0.19
C VAL B 120 33.80 -24.57 -1.21
N ILE C 2 18.00 -11.63 -25.37
CA ILE C 2 17.02 -10.86 -24.60
C ILE C 2 17.80 -9.90 -23.71
N VAL C 3 18.69 -9.14 -24.34
CA VAL C 3 19.59 -8.23 -23.64
C VAL C 3 18.94 -6.85 -23.51
N LEU C 4 19.51 -6.01 -22.66
CA LEU C 4 19.09 -4.62 -22.47
C LEU C 4 20.31 -3.71 -22.56
N THR C 5 21.09 -3.90 -23.63
CA THR C 5 22.39 -3.27 -23.84
C THR C 5 22.41 -1.80 -23.43
N GLN C 6 23.35 -1.46 -22.56
CA GLN C 6 23.56 -0.10 -22.10
C GLN C 6 24.89 0.39 -22.64
N SER C 7 24.87 1.50 -23.38
CA SER C 7 26.00 1.93 -24.19
C SER C 7 27.13 2.65 -23.43
N PRO C 8 26.84 3.60 -22.53
CA PRO C 8 27.87 4.62 -22.19
C PRO C 8 29.16 4.06 -21.64
N ALA C 9 29.12 2.97 -20.88
CA ALA C 9 30.31 2.35 -20.30
C ALA C 9 31.08 3.36 -19.42
N THR C 10 30.42 3.75 -18.33
CA THR C 10 31.01 4.59 -17.30
C THR C 10 31.43 5.96 -17.84
N LEU C 11 30.42 6.73 -18.24
CA LEU C 11 30.64 8.12 -18.62
C LEU C 11 30.84 8.97 -17.38
N SER C 12 31.75 9.93 -17.46
CA SER C 12 31.97 10.90 -16.40
C SER C 12 32.85 12.05 -16.88
N LEU C 13 32.40 13.28 -16.65
CA LEU C 13 33.22 14.46 -16.94
C LEU C 13 33.47 15.32 -15.72
N SER C 14 32.42 15.66 -14.97
CA SER C 14 32.51 16.56 -13.84
C SER C 14 31.19 16.57 -13.09
N PRO C 15 31.14 17.05 -11.85
CA PRO C 15 29.85 17.24 -11.18
C PRO C 15 29.12 18.46 -11.75
N GLY C 16 27.80 18.47 -11.53
CA GLY C 16 26.97 19.55 -12.05
C GLY C 16 26.93 19.58 -13.55
N GLU C 17 26.40 18.51 -14.16
CA GLU C 17 26.30 18.44 -15.61
C GLU C 17 25.19 17.45 -15.96
N ARG C 18 24.68 17.56 -17.18
CA ARG C 18 23.60 16.72 -17.66
C ARG C 18 24.18 15.49 -18.33
N ALA C 19 23.95 14.32 -17.74
CA ALA C 19 24.42 13.05 -18.24
C ALA C 19 23.25 12.28 -18.83
N THR C 20 23.47 11.68 -20.00
CA THR C 20 22.44 10.96 -20.75
C THR C 20 22.85 9.50 -20.86
N LEU C 21 22.08 8.63 -20.22
CA LEU C 21 22.34 7.19 -20.23
C LEU C 21 21.34 6.52 -21.15
N SER C 22 21.84 5.71 -22.09
CA SER C 22 21.00 5.04 -23.07
C SER C 22 20.69 3.61 -22.62
N CYS C 23 19.59 3.09 -23.13
CA CYS C 23 19.06 1.77 -22.81
C CYS C 23 18.63 1.04 -24.08
N ARG C 24 19.53 0.97 -25.06
CA ARG C 24 19.18 0.50 -26.40
C ARG C 24 18.91 -0.99 -26.35
N ALA C 25 17.73 -1.34 -25.87
CA ALA C 25 17.30 -2.73 -25.76
C ALA C 25 17.15 -3.36 -27.14
N SER C 28 12.20 -3.11 -29.49
CA SER C 28 12.39 -4.56 -29.52
C SER C 28 11.67 -5.24 -28.37
N VAL C 29 11.14 -4.42 -27.46
CA VAL C 29 10.42 -4.88 -26.28
C VAL C 29 9.14 -4.07 -26.19
N SER C 30 8.15 -4.60 -25.46
CA SER C 30 6.97 -3.83 -25.11
C SER C 30 7.31 -2.92 -23.93
N SER C 31 6.30 -2.30 -23.33
CA SER C 31 6.53 -1.24 -22.36
C SER C 31 6.98 -1.80 -21.01
N TYR C 32 6.91 -0.96 -19.97
CA TYR C 32 7.33 -1.31 -18.62
C TYR C 32 8.83 -1.62 -18.51
N LEU C 33 9.68 -0.63 -18.71
CA LEU C 33 11.11 -0.77 -18.41
C LEU C 33 11.47 0.17 -17.27
N ALA C 34 12.11 -0.39 -16.23
CA ALA C 34 12.35 0.31 -14.98
C ALA C 34 13.81 0.70 -14.84
N TRP C 35 14.06 1.76 -14.07
CA TRP C 35 15.38 2.32 -13.84
C TRP C 35 15.64 2.39 -12.34
N TYR C 36 16.71 1.72 -11.89
CA TYR C 36 17.19 1.75 -10.51
C TYR C 36 18.57 2.40 -10.41
N GLN C 37 18.86 2.90 -9.21
CA GLN C 37 20.17 3.44 -8.88
C GLN C 37 20.71 2.70 -7.66
N GLN C 38 21.97 2.28 -7.75
CA GLN C 38 22.66 1.59 -6.66
C GLN C 38 23.95 2.33 -6.34
N LYS C 39 24.04 2.88 -5.15
CA LYS C 39 25.31 3.41 -4.67
C LYS C 39 26.22 2.26 -4.26
N PRO C 40 27.53 2.45 -4.34
CA PRO C 40 28.44 1.38 -3.92
C PRO C 40 28.21 0.99 -2.47
N GLY C 41 28.19 -0.32 -2.23
CA GLY C 41 27.93 -0.85 -0.89
C GLY C 41 26.56 -0.49 -0.35
N GLN C 42 25.54 -0.58 -1.19
CA GLN C 42 24.18 -0.24 -0.77
C GLN C 42 23.19 -1.02 -1.60
N ALA C 43 21.97 -1.12 -1.09
CA ALA C 43 20.89 -1.83 -1.78
C ALA C 43 20.32 -0.97 -2.89
N PRO C 44 20.24 -1.47 -4.13
CA PRO C 44 19.67 -0.67 -5.22
C PRO C 44 18.23 -0.28 -4.91
N ARG C 45 17.83 0.88 -5.44
CA ARG C 45 16.52 1.44 -5.18
C ARG C 45 15.89 1.92 -6.48
N LEU C 46 14.56 1.91 -6.50
CA LEU C 46 13.81 2.28 -7.68
C LEU C 46 13.87 3.78 -7.93
N LEU C 47 14.04 4.16 -9.20
CA LEU C 47 13.95 5.56 -9.60
C LEU C 47 12.78 5.82 -10.53
N ILE C 48 12.66 5.08 -11.62
CA ILE C 48 11.65 5.34 -12.65
C ILE C 48 11.00 4.01 -13.01
N TYR C 49 9.74 3.82 -12.62
CA TYR C 49 9.16 2.49 -12.78
C TYR C 49 8.66 2.23 -14.20
N ASP C 50 7.63 2.94 -14.64
CA ASP C 50 7.04 2.64 -15.95
C ASP C 50 7.64 3.53 -17.03
N ALA C 51 8.97 3.60 -17.06
CA ALA C 51 9.75 4.18 -18.15
C ALA C 51 9.55 5.67 -18.34
N SER C 52 8.59 6.27 -17.62
CA SER C 52 8.40 7.71 -17.70
C SER C 52 8.24 8.34 -16.31
N ASN C 53 7.58 7.63 -15.42
CA ASN C 53 7.14 8.19 -14.15
C ASN C 53 8.32 8.29 -13.19
N ARG C 54 8.03 8.60 -11.93
CA ARG C 54 9.05 8.70 -10.90
C ARG C 54 8.53 8.06 -9.63
N ALA C 55 9.42 7.36 -8.92
CA ALA C 55 9.04 6.70 -7.69
C ALA C 55 8.88 7.72 -6.57
N THR C 56 8.48 7.23 -5.39
CA THR C 56 8.29 8.11 -4.24
C THR C 56 9.66 8.53 -3.71
N GLY C 57 10.30 9.47 -4.37
CA GLY C 57 11.64 9.88 -3.98
C GLY C 57 12.34 10.76 -4.98
N ILE C 58 13.58 10.39 -5.33
CA ILE C 58 14.54 11.17 -6.10
C ILE C 58 14.47 12.66 -5.76
N PRO C 59 14.61 13.05 -4.48
CA PRO C 59 14.74 14.48 -4.16
C PRO C 59 16.20 14.91 -4.07
N ALA C 60 16.99 14.66 -5.11
CA ALA C 60 18.40 15.04 -5.07
C ALA C 60 18.77 15.85 -6.31
N ARG C 61 18.11 15.55 -7.43
CA ARG C 61 18.18 16.39 -8.61
C ARG C 61 16.78 16.54 -9.18
N PHE C 62 15.89 15.64 -8.76
CA PHE C 62 14.50 15.57 -9.18
C PHE C 62 14.40 15.59 -10.71
N SER C 63 15.49 15.23 -11.39
CA SER C 63 15.50 15.11 -12.83
C SER C 63 15.35 13.63 -13.19
N GLY C 64 14.23 13.05 -12.79
CA GLY C 64 13.88 11.73 -13.24
C GLY C 64 13.35 11.82 -14.66
N SER C 65 14.13 11.37 -15.63
CA SER C 65 13.84 11.58 -17.03
C SER C 65 13.62 10.22 -17.71
N GLY C 66 12.48 10.06 -18.35
CA GLY C 66 12.23 8.92 -19.19
C GLY C 66 11.59 9.36 -20.49
N SER C 67 12.24 9.05 -21.61
CA SER C 67 11.75 9.48 -22.93
C SER C 67 12.04 8.33 -23.90
N GLY C 68 11.02 7.51 -24.15
CA GLY C 68 11.23 6.33 -24.96
C GLY C 68 9.98 5.63 -25.45
N THR C 69 10.00 4.29 -25.36
CA THR C 69 9.05 3.34 -25.92
C THR C 69 9.19 3.21 -27.43
N ASP C 70 10.01 4.05 -28.07
CA ASP C 70 10.59 3.74 -29.37
C ASP C 70 11.83 2.87 -29.22
N PHE C 71 12.30 2.74 -27.98
CA PHE C 71 13.28 1.72 -27.56
C PHE C 71 14.66 2.00 -28.13
N THR C 72 15.02 3.27 -28.11
CA THR C 72 16.36 3.71 -27.72
C THR C 72 16.06 4.59 -26.51
N LEU C 73 15.85 3.94 -25.37
CA LEU C 73 15.41 4.62 -24.17
C LEU C 73 16.55 5.46 -23.59
N THR C 74 16.17 6.51 -22.87
CA THR C 74 17.16 7.46 -22.38
C THR C 74 16.75 7.97 -21.02
N ILE C 75 17.74 8.19 -20.16
CA ILE C 75 17.56 8.97 -18.94
C ILE C 75 18.57 10.10 -18.97
N SER C 76 18.07 11.34 -19.01
CA SER C 76 18.92 12.52 -19.09
C SER C 76 18.74 13.30 -17.80
N SER C 77 19.75 13.26 -16.92
CA SER C 77 19.59 13.80 -15.59
C SER C 77 20.86 14.55 -15.17
N LEU C 78 20.71 15.45 -14.23
CA LEU C 78 21.84 16.18 -13.66
C LEU C 78 22.59 15.30 -12.68
N GLU C 79 23.75 15.76 -12.23
CA GLU C 79 24.63 14.98 -11.35
C GLU C 79 25.11 15.80 -10.17
N PRO C 80 24.21 16.17 -9.25
CA PRO C 80 24.66 16.78 -7.99
C PRO C 80 24.91 15.73 -6.92
N GLU C 81 26.18 15.57 -6.50
CA GLU C 81 26.58 14.71 -5.38
C GLU C 81 25.90 13.34 -5.40
N ASP C 82 25.50 12.87 -6.58
CA ASP C 82 24.65 11.70 -6.70
C ASP C 82 25.29 10.65 -7.61
N PHE C 83 26.55 10.34 -7.33
CA PHE C 83 27.32 9.43 -8.16
C PHE C 83 27.14 8.00 -7.70
N ALA C 84 26.76 7.12 -8.62
CA ALA C 84 26.43 5.73 -8.32
C ALA C 84 26.39 4.96 -9.63
N VAL C 85 25.89 3.72 -9.57
CA VAL C 85 25.69 2.88 -10.74
C VAL C 85 24.21 2.84 -11.07
N TYR C 86 23.88 2.75 -12.35
CA TYR C 86 22.52 2.88 -12.82
C TYR C 86 22.13 1.67 -13.67
N TYR C 87 21.02 1.03 -13.30
CA TYR C 87 20.58 -0.22 -13.95
C TYR C 87 19.18 -0.05 -14.53
N CYS C 88 18.91 -0.85 -15.56
CA CYS C 88 17.61 -0.90 -16.22
C CYS C 88 17.09 -2.33 -16.19
N GLN C 89 15.76 -2.47 -16.26
CA GLN C 89 15.11 -3.76 -16.08
C GLN C 89 13.93 -3.89 -17.03
N GLN C 90 13.94 -4.96 -17.83
CA GLN C 90 12.82 -5.31 -18.69
C GLN C 90 11.64 -5.78 -17.85
N ARG C 91 10.45 -5.77 -18.44
CA ARG C 91 9.28 -6.42 -17.83
C ARG C 91 8.47 -7.10 -18.94
N SER C 92 8.77 -8.38 -19.18
CA SER C 92 7.95 -9.22 -20.05
C SER C 92 7.73 -10.59 -19.43
N ASN C 93 8.21 -10.81 -18.21
CA ASN C 93 7.84 -11.82 -17.23
C ASN C 93 8.34 -13.23 -17.54
N TRP C 94 8.87 -13.52 -18.73
CA TRP C 94 9.65 -14.75 -18.75
C TRP C 94 11.08 -14.43 -18.32
N PRO C 95 11.86 -13.63 -19.09
CA PRO C 95 13.15 -13.15 -18.58
C PRO C 95 13.04 -11.77 -17.97
N LEU C 96 12.58 -11.64 -16.73
CA LEU C 96 12.42 -10.33 -16.14
C LEU C 96 13.80 -9.73 -15.86
N THR C 97 14.56 -9.49 -16.92
CA THR C 97 16.01 -9.33 -16.83
C THR C 97 16.42 -7.94 -16.37
N PHE C 98 17.72 -7.77 -16.19
CA PHE C 98 18.36 -6.51 -15.86
C PHE C 98 19.37 -6.15 -16.96
N GLY C 99 19.99 -4.98 -16.81
CA GLY C 99 20.97 -4.53 -17.78
C GLY C 99 22.37 -4.43 -17.22
N GLY C 100 23.37 -4.43 -18.09
CA GLY C 100 24.74 -4.28 -17.67
C GLY C 100 25.07 -2.83 -17.37
N GLY C 101 24.58 -2.34 -16.25
CA GLY C 101 24.62 -0.94 -15.90
C GLY C 101 26.00 -0.29 -15.93
N THR C 102 26.02 1.03 -15.92
CA THR C 102 27.24 1.82 -16.05
C THR C 102 27.37 2.75 -14.85
N LYS C 103 28.62 3.16 -14.60
CA LYS C 103 28.95 4.03 -13.49
C LYS C 103 29.12 5.46 -13.98
N VAL C 104 29.42 6.36 -13.05
CA VAL C 104 29.55 7.78 -13.36
C VAL C 104 30.85 8.36 -12.82
N GLU C 105 31.89 7.53 -12.73
CA GLU C 105 33.22 8.03 -12.35
C GLU C 105 34.22 7.76 -13.46
#